data_5AEM
#
_entry.id   5AEM
#
_cell.length_a   105.130
_cell.length_b   105.130
_cell.length_c   98.740
_cell.angle_alpha   90.00
_cell.angle_beta   90.00
_cell.angle_gamma   90.00
#
_symmetry.space_group_name_H-M   'P 43'
#
_entity_poly.entity_id   1
_entity_poly.type   'polypeptide(L)'
_entity_poly.pdbx_seq_one_letter_code
;GAMVLDPEVAQLLSQANEAFVRNDLQVAERLFNEVIKKDARNFAAYETLGDIYQLQGRLNDCCNSWFLAAHLNASDWEFW
KIVAILSADLDHVRQAIYCFSRVISLNPMEWESIYRRSMLYKKTGQLARALDGFQRLYMYNPYDANILRELAILYVDYDR
IEDSIELYMKVFNANVERREAILAALENALDSSDEESAAEGEDADEKEPLEQDEDRQMFPDINWKKIDAKYKCIPFDWSS
LNILAELFLKLAVSEVDGIKTIKKCARWIQRRESQTFWDHVPDDSEFDNRRFKNSTFDSLLAAEKEKSYNIPIDIRVRLG
LLRLNTDNLVEALNHFQCLYDETFSDVADLYFEAATALTRAEKYKEAIDFFTPLLSLEEWRTTDVFKPLARCYKEIESYE
TAKEFYELAIKSEPDDLDIRVSLAEVYYRLNDPETFKHMLVDVVEMR
;
_entity_poly.pdbx_strand_id   A
#
# COMPACT_ATOMS: atom_id res chain seq x y z
N LEU A 12 -52.64 26.67 19.98
CA LEU A 12 -52.91 27.23 18.66
C LEU A 12 -51.72 27.03 17.76
N LEU A 13 -50.56 26.81 18.37
CA LEU A 13 -49.35 26.60 17.60
C LEU A 13 -49.53 25.32 16.79
N SER A 14 -49.96 24.24 17.46
CA SER A 14 -50.11 22.93 16.85
C SER A 14 -51.02 22.92 15.63
N GLN A 15 -51.95 23.87 15.57
CA GLN A 15 -52.86 24.00 14.43
C GLN A 15 -52.15 24.67 13.26
N ALA A 16 -51.37 25.70 13.56
CA ALA A 16 -50.63 26.42 12.55
C ALA A 16 -49.70 25.46 11.81
N ASN A 17 -48.99 24.62 12.57
CA ASN A 17 -48.03 23.68 12.01
C ASN A 17 -48.71 22.54 11.26
N GLU A 18 -49.83 22.06 11.80
CA GLU A 18 -50.54 20.92 11.23
C GLU A 18 -51.07 21.21 9.82
N ALA A 19 -51.75 22.34 9.67
CA ALA A 19 -52.29 22.75 8.37
C ALA A 19 -51.18 22.79 7.32
N PHE A 20 -50.00 23.25 7.74
CA PHE A 20 -48.86 23.43 6.85
C PHE A 20 -48.22 22.10 6.45
N VAL A 21 -47.92 21.26 7.45
CA VAL A 21 -47.19 20.02 7.21
C VAL A 21 -47.96 19.08 6.27
N ARG A 22 -49.28 19.14 6.32
CA ARG A 22 -50.13 18.24 5.56
C ARG A 22 -49.82 18.21 4.07
N ASN A 23 -49.70 19.39 3.46
CA ASN A 23 -49.60 19.48 2.00
C ASN A 23 -48.37 20.20 1.47
N ASP A 24 -48.09 20.00 0.18
CA ASP A 24 -46.83 20.43 -0.43
C ASP A 24 -46.96 21.58 -1.42
N LEU A 25 -46.45 22.74 -1.03
CA LEU A 25 -46.21 23.85 -1.96
C LEU A 25 -45.08 24.72 -1.42
N GLN A 26 -44.38 25.41 -2.32
CA GLN A 26 -43.17 26.15 -1.95
C GLN A 26 -43.43 27.26 -0.91
N VAL A 27 -44.65 27.78 -0.87
CA VAL A 27 -45.01 28.80 0.12
C VAL A 27 -45.32 28.16 1.47
N ALA A 28 -45.80 26.91 1.43
CA ALA A 28 -46.29 26.24 2.63
C ALA A 28 -45.21 25.96 3.69
N GLU A 29 -44.04 25.51 3.25
CA GLU A 29 -43.00 25.07 4.19
C GLU A 29 -42.21 26.21 4.82
N ARG A 30 -42.09 27.33 4.12
CA ARG A 30 -41.38 28.48 4.68
C ARG A 30 -42.29 29.26 5.65
N LEU A 31 -43.59 29.24 5.40
CA LEU A 31 -44.56 29.79 6.34
C LEU A 31 -44.66 28.86 7.56
N PHE A 32 -44.30 27.60 7.32
CA PHE A 32 -44.22 26.58 8.36
C PHE A 32 -43.09 26.95 9.34
N ASN A 33 -42.07 27.60 8.81
CA ASN A 33 -40.99 28.15 9.62
C ASN A 33 -41.42 29.43 10.33
N GLU A 34 -42.28 30.21 9.66
CA GLU A 34 -42.67 31.52 10.16
C GLU A 34 -43.41 31.47 11.51
N VAL A 35 -44.13 30.39 11.77
CA VAL A 35 -44.85 30.26 13.04
C VAL A 35 -43.90 29.90 14.18
N ILE A 36 -43.00 28.96 13.92
CA ILE A 36 -41.94 28.63 14.87
C ILE A 36 -40.87 29.72 14.88
N LYS A 37 -41.04 30.72 14.02
CA LYS A 37 -40.20 31.90 14.04
C LYS A 37 -40.56 32.79 15.24
N LYS A 38 -41.80 32.70 15.69
CA LYS A 38 -42.26 33.43 16.87
C LYS A 38 -41.56 32.89 18.12
N ASP A 39 -41.60 31.56 18.28
CA ASP A 39 -40.79 30.86 19.28
C ASP A 39 -40.11 29.67 18.60
N ALA A 40 -38.92 29.32 19.08
CA ALA A 40 -37.88 28.68 18.27
C ALA A 40 -38.07 27.22 17.83
N ARG A 41 -38.07 26.30 18.79
CA ARG A 41 -37.65 24.93 18.53
C ARG A 41 -38.75 23.90 18.22
N ASN A 42 -38.68 23.30 17.04
CA ASN A 42 -39.46 22.11 16.71
C ASN A 42 -38.60 21.12 15.95
N PHE A 43 -38.43 19.92 16.50
CA PHE A 43 -37.59 18.92 15.83
C PHE A 43 -38.19 18.48 14.50
N ALA A 44 -39.49 18.20 14.51
CA ALA A 44 -40.19 17.75 13.30
C ALA A 44 -40.22 18.87 12.28
N ALA A 45 -40.13 20.12 12.75
CA ALA A 45 -40.13 21.26 11.84
C ALA A 45 -38.98 21.14 10.86
N TYR A 46 -37.79 20.83 11.39
CA TYR A 46 -36.60 20.70 10.57
C TYR A 46 -36.64 19.47 9.65
N GLU A 47 -37.08 18.33 10.18
CA GLU A 47 -37.15 17.12 9.37
C GLU A 47 -38.05 17.36 8.16
N THR A 48 -39.02 18.24 8.33
CA THR A 48 -39.86 18.67 7.21
C THR A 48 -39.01 19.51 6.27
N LEU A 49 -38.32 20.50 6.84
CA LEU A 49 -37.45 21.38 6.06
C LEU A 49 -36.47 20.60 5.21
N GLY A 50 -35.73 19.69 5.81
CA GLY A 50 -34.74 18.95 5.04
C GLY A 50 -35.36 18.13 3.93
N ASP A 51 -36.49 17.48 4.20
CA ASP A 51 -37.18 16.69 3.20
C ASP A 51 -37.47 17.53 1.96
N ILE A 52 -37.84 18.79 2.15
CA ILE A 52 -38.17 19.67 1.01
C ILE A 52 -36.91 20.15 0.28
N TYR A 53 -35.89 20.57 1.02
CA TYR A 53 -34.69 21.11 0.40
C TYR A 53 -33.98 20.03 -0.42
N GLN A 54 -34.10 18.79 0.04
CA GLN A 54 -33.48 17.67 -0.64
C GLN A 54 -34.15 17.42 -1.98
N LEU A 55 -35.47 17.60 -2.00
CA LEU A 55 -36.26 17.37 -3.21
C LEU A 55 -35.98 18.45 -4.26
N GLN A 56 -36.02 19.71 -3.85
CA GLN A 56 -35.80 20.81 -4.80
C GLN A 56 -34.39 20.73 -5.40
N GLY A 57 -33.52 19.93 -4.77
CA GLY A 57 -32.24 19.59 -5.36
C GLY A 57 -31.09 20.53 -5.01
N ARG A 58 -31.32 21.46 -4.09
CA ARG A 58 -30.25 22.29 -3.56
C ARG A 58 -29.78 21.72 -2.22
N LEU A 59 -28.54 21.23 -2.22
CA LEU A 59 -28.06 20.34 -1.19
C LEU A 59 -27.81 21.01 0.16
N ASN A 60 -27.15 22.17 0.15
CA ASN A 60 -26.66 22.77 1.38
C ASN A 60 -27.73 23.21 2.38
N ASP A 61 -28.76 23.87 1.90
CA ASP A 61 -29.83 24.31 2.80
C ASP A 61 -30.45 23.10 3.50
N CYS A 62 -30.49 21.98 2.81
CA CYS A 62 -30.95 20.72 3.40
C CYS A 62 -30.08 20.34 4.59
N CYS A 63 -28.77 20.55 4.45
CA CYS A 63 -27.82 20.19 5.49
C CYS A 63 -27.97 21.06 6.74
N ASN A 64 -28.04 22.38 6.56
CA ASN A 64 -28.13 23.30 7.70
C ASN A 64 -29.45 23.20 8.48
N SER A 65 -30.51 22.75 7.81
CA SER A 65 -31.78 22.54 8.50
C SER A 65 -31.65 21.35 9.44
N TRP A 66 -31.27 20.20 8.89
CA TRP A 66 -31.12 18.98 9.65
C TRP A 66 -30.01 19.13 10.68
N PHE A 67 -28.90 19.74 10.26
CA PHE A 67 -27.75 19.93 11.12
C PHE A 67 -28.15 20.63 12.42
N LEU A 68 -29.23 21.42 12.35
CA LEU A 68 -29.84 21.99 13.55
C LEU A 68 -30.80 21.02 14.23
N ALA A 69 -31.59 20.30 13.42
CA ALA A 69 -32.56 19.33 13.95
C ALA A 69 -31.91 18.40 14.96
N ALA A 70 -30.77 17.84 14.56
CA ALA A 70 -30.07 16.82 15.35
C ALA A 70 -29.74 17.30 16.76
N HIS A 71 -29.72 18.61 16.95
CA HIS A 71 -29.43 19.19 18.26
C HIS A 71 -30.65 19.21 19.19
N LEU A 72 -31.86 19.21 18.64
CA LEU A 72 -33.07 19.17 19.45
C LEU A 72 -33.22 17.79 20.11
N ASN A 73 -33.04 16.72 19.33
CA ASN A 73 -32.85 15.40 19.91
C ASN A 73 -31.42 14.92 19.67
N ALA A 74 -30.61 14.95 20.72
CA ALA A 74 -29.20 14.60 20.58
C ALA A 74 -29.07 13.10 20.39
N SER A 75 -30.16 12.38 20.62
CA SER A 75 -30.09 10.93 20.78
C SER A 75 -30.48 10.08 19.56
N ASP A 76 -30.92 10.68 18.46
CA ASP A 76 -31.18 9.88 17.28
C ASP A 76 -29.85 9.93 16.56
N TRP A 77 -29.07 8.86 16.68
CA TRP A 77 -27.73 8.82 16.08
C TRP A 77 -27.72 8.32 14.63
N GLU A 78 -28.68 7.45 14.28
CA GLU A 78 -28.86 7.10 12.88
C GLU A 78 -29.05 8.42 12.11
N PHE A 79 -29.57 9.42 12.81
CA PHE A 79 -29.85 10.72 12.21
C PHE A 79 -28.60 11.58 12.00
N TRP A 80 -27.74 11.66 13.03
CA TRP A 80 -26.45 12.37 12.89
C TRP A 80 -25.61 11.76 11.77
N LYS A 81 -25.55 10.44 11.73
CA LYS A 81 -24.82 9.71 10.70
C LYS A 81 -25.22 10.16 9.29
N ILE A 82 -26.49 10.53 9.11
CA ILE A 82 -26.98 11.01 7.82
C ILE A 82 -26.48 12.44 7.58
N VAL A 83 -26.55 13.24 8.63
CA VAL A 83 -26.09 14.63 8.60
C VAL A 83 -24.57 14.71 8.46
N ALA A 84 -23.88 13.67 8.92
CA ALA A 84 -22.42 13.60 8.83
C ALA A 84 -21.97 13.18 7.44
N ILE A 85 -22.63 12.17 6.87
CA ILE A 85 -22.28 11.71 5.53
C ILE A 85 -22.67 12.73 4.49
N LEU A 86 -23.62 13.61 4.83
CA LEU A 86 -24.00 14.68 3.91
C LEU A 86 -23.03 15.86 3.97
N SER A 87 -22.54 16.19 5.16
CA SER A 87 -21.50 17.22 5.29
C SER A 87 -20.18 16.73 4.67
N ALA A 88 -19.97 15.42 4.63
CA ALA A 88 -18.82 14.84 3.97
C ALA A 88 -19.02 14.79 2.45
N ASP A 89 -20.29 14.71 2.03
CA ASP A 89 -20.64 14.72 0.61
C ASP A 89 -20.59 16.13 0.02
N LEU A 90 -20.91 17.13 0.84
CA LEU A 90 -20.89 18.52 0.40
C LEU A 90 -19.52 19.17 0.64
N ASP A 91 -18.55 18.37 1.08
CA ASP A 91 -17.16 18.79 1.25
C ASP A 91 -16.88 19.82 2.35
N HIS A 92 -17.74 19.88 3.37
CA HIS A 92 -17.38 20.62 4.60
C HIS A 92 -17.06 19.58 5.65
N VAL A 93 -15.77 19.41 5.94
CA VAL A 93 -15.35 18.29 6.78
C VAL A 93 -15.54 18.53 8.27
N ARG A 94 -15.13 19.69 8.76
CA ARG A 94 -15.18 19.95 10.21
C ARG A 94 -16.54 19.64 10.81
N GLN A 95 -17.61 19.86 10.05
CA GLN A 95 -18.93 19.45 10.50
C GLN A 95 -19.00 17.93 10.47
N ALA A 96 -18.64 17.32 9.34
CA ALA A 96 -18.75 15.88 9.16
C ALA A 96 -18.08 15.09 10.30
N ILE A 97 -16.86 15.45 10.69
CA ILE A 97 -16.17 14.74 11.77
C ILE A 97 -16.88 14.97 13.10
N TYR A 98 -17.47 16.14 13.25
CA TYR A 98 -18.19 16.51 14.48
C TYR A 98 -19.49 15.73 14.64
N CYS A 99 -20.29 15.69 13.57
CA CYS A 99 -21.50 14.88 13.58
C CYS A 99 -21.15 13.40 13.84
N PHE A 100 -20.16 12.90 13.12
CA PHE A 100 -19.70 11.53 13.32
C PHE A 100 -19.32 11.28 14.78
N SER A 101 -18.73 12.28 15.42
CA SER A 101 -18.22 12.11 16.77
C SER A 101 -19.37 12.06 17.79
N ARG A 102 -20.55 12.57 17.40
CA ARG A 102 -21.75 12.39 18.22
C ARG A 102 -22.34 11.00 18.01
N VAL A 103 -22.44 10.59 16.76
CA VAL A 103 -22.87 9.23 16.49
C VAL A 103 -22.06 8.29 17.39
N ILE A 104 -20.77 8.57 17.54
CA ILE A 104 -19.86 7.70 18.27
C ILE A 104 -19.83 7.90 19.79
N SER A 105 -20.21 9.07 20.29
CA SER A 105 -20.31 9.26 21.73
C SER A 105 -21.61 8.63 22.23
N LEU A 106 -22.61 8.59 21.34
CA LEU A 106 -23.83 7.85 21.59
C LEU A 106 -23.58 6.35 21.48
N ASN A 107 -23.04 5.93 20.34
CA ASN A 107 -22.69 4.54 20.08
C ASN A 107 -21.19 4.37 19.81
N PRO A 108 -20.45 3.79 20.78
CA PRO A 108 -19.00 3.56 20.65
C PRO A 108 -18.62 2.46 19.64
N MET A 109 -19.55 1.55 19.38
CA MET A 109 -19.31 0.42 18.48
C MET A 109 -19.84 0.57 17.05
N GLU A 110 -20.24 1.78 16.67
CA GLU A 110 -20.71 1.99 15.31
C GLU A 110 -19.48 1.98 14.39
N TRP A 111 -19.40 0.97 13.53
CA TRP A 111 -18.18 0.69 12.78
C TRP A 111 -18.04 1.67 11.65
N GLU A 112 -19.12 1.83 10.89
CA GLU A 112 -19.12 2.70 9.72
C GLU A 112 -18.63 4.11 10.07
N SER A 113 -19.18 4.68 11.12
CA SER A 113 -18.90 6.07 11.48
C SER A 113 -17.53 6.26 12.11
N ILE A 114 -17.01 5.26 12.81
CA ILE A 114 -15.66 5.35 13.37
C ILE A 114 -14.68 5.38 12.21
N TYR A 115 -14.95 4.54 11.21
CA TYR A 115 -14.10 4.44 10.03
C TYR A 115 -14.14 5.73 9.20
N ARG A 116 -15.34 6.09 8.75
CA ARG A 116 -15.50 7.29 7.94
C ARG A 116 -14.90 8.50 8.65
N ARG A 117 -15.31 8.74 9.89
CA ARG A 117 -14.75 9.85 10.67
C ARG A 117 -13.25 9.75 10.65
N SER A 118 -12.71 8.58 10.96
CA SER A 118 -11.27 8.44 11.14
C SER A 118 -10.46 8.55 9.83
N MET A 119 -11.13 8.46 8.68
CA MET A 119 -10.48 8.78 7.40
C MET A 119 -10.68 10.22 6.91
N LEU A 120 -11.59 10.96 7.53
CA LEU A 120 -11.63 12.41 7.36
C LEU A 120 -10.60 13.00 8.31
N TYR A 121 -10.22 12.20 9.31
CA TYR A 121 -9.17 12.58 10.23
C TYR A 121 -7.85 12.48 9.49
N LYS A 122 -7.76 11.51 8.59
CA LYS A 122 -6.56 11.27 7.78
C LYS A 122 -6.37 12.42 6.78
N LYS A 123 -7.44 12.78 6.06
CA LYS A 123 -7.39 13.88 5.09
C LYS A 123 -6.99 15.20 5.75
N THR A 124 -7.49 15.45 6.96
CA THR A 124 -7.14 16.67 7.70
C THR A 124 -5.76 16.55 8.36
N GLY A 125 -5.18 15.36 8.29
CA GLY A 125 -3.82 15.15 8.77
C GLY A 125 -3.63 15.19 10.27
N GLN A 126 -4.65 14.78 11.03
CA GLN A 126 -4.43 14.56 12.46
C GLN A 126 -4.28 13.07 12.57
N LEU A 127 -3.04 12.62 12.67
CA LEU A 127 -2.78 11.20 12.62
C LEU A 127 -2.99 10.60 13.98
N ALA A 128 -2.58 11.33 15.02
CA ALA A 128 -2.74 10.85 16.38
C ALA A 128 -4.16 10.35 16.57
N ARG A 129 -5.11 11.10 16.00
CA ARG A 129 -6.52 10.77 16.09
C ARG A 129 -6.90 9.65 15.11
N ALA A 130 -6.43 9.77 13.87
CA ALA A 130 -6.75 8.79 12.83
C ALA A 130 -6.16 7.43 13.13
N LEU A 131 -5.00 7.40 13.78
CA LEU A 131 -4.37 6.14 14.18
C LEU A 131 -5.16 5.55 15.33
N ASP A 132 -5.34 6.35 16.37
CA ASP A 132 -6.10 5.91 17.53
C ASP A 132 -7.50 5.49 17.02
N GLY A 133 -7.85 5.96 15.82
CA GLY A 133 -9.08 5.57 15.16
C GLY A 133 -9.14 4.21 14.49
N PHE A 134 -8.16 3.88 13.63
CA PHE A 134 -8.18 2.59 12.95
C PHE A 134 -7.79 1.48 13.89
N GLN A 135 -6.92 1.80 14.85
CA GLN A 135 -6.59 0.84 15.89
C GLN A 135 -7.90 0.31 16.48
N ARG A 136 -8.84 1.19 16.80
CA ARG A 136 -10.09 0.75 17.42
C ARG A 136 -10.81 -0.28 16.56
N LEU A 137 -11.03 0.03 15.28
CA LEU A 137 -11.74 -0.91 14.40
C LEU A 137 -11.01 -2.25 14.33
N TYR A 138 -9.67 -2.20 14.35
CA TYR A 138 -8.87 -3.42 14.29
C TYR A 138 -9.00 -4.22 15.58
N MET A 139 -9.37 -3.56 16.67
CA MET A 139 -9.66 -4.27 17.90
C MET A 139 -11.03 -4.95 17.79
N TYR A 140 -12.00 -4.24 17.23
CA TYR A 140 -13.36 -4.76 17.10
C TYR A 140 -13.36 -5.99 16.19
N ASN A 141 -12.92 -5.83 14.94
CA ASN A 141 -12.64 -7.00 14.10
C ASN A 141 -11.21 -7.12 13.56
N PRO A 142 -10.42 -8.06 14.11
CA PRO A 142 -9.03 -8.28 13.69
C PRO A 142 -8.91 -8.91 12.30
N TYR A 143 -10.00 -9.47 11.79
CA TYR A 143 -9.97 -10.28 10.58
C TYR A 143 -10.38 -9.57 9.29
N ASP A 144 -10.63 -8.27 9.33
CA ASP A 144 -10.90 -7.52 8.10
C ASP A 144 -9.59 -7.11 7.46
N ALA A 145 -9.37 -7.52 6.21
CA ALA A 145 -8.10 -7.26 5.53
C ALA A 145 -7.95 -5.79 5.15
N ASN A 146 -9.05 -5.13 4.81
CA ASN A 146 -9.03 -3.71 4.49
C ASN A 146 -8.53 -2.94 5.71
N ILE A 147 -9.16 -3.15 6.87
CA ILE A 147 -8.73 -2.46 8.08
C ILE A 147 -7.24 -2.67 8.30
N LEU A 148 -6.79 -3.91 8.14
CA LEU A 148 -5.40 -4.24 8.37
C LEU A 148 -4.49 -3.34 7.54
N ARG A 149 -4.72 -3.26 6.23
CA ARG A 149 -3.91 -2.41 5.37
C ARG A 149 -3.94 -0.96 5.84
N GLU A 150 -5.14 -0.41 6.01
CA GLU A 150 -5.31 0.99 6.41
C GLU A 150 -4.52 1.33 7.66
N LEU A 151 -4.45 0.38 8.60
CA LEU A 151 -3.70 0.57 9.84
C LEU A 151 -2.20 0.49 9.56
N ALA A 152 -1.80 -0.52 8.79
CA ALA A 152 -0.40 -0.71 8.42
C ALA A 152 0.13 0.56 7.75
N ILE A 153 -0.69 1.13 6.87
CA ILE A 153 -0.34 2.34 6.14
C ILE A 153 -0.09 3.54 7.06
N LEU A 154 -1.07 3.86 7.91
CA LEU A 154 -0.90 4.99 8.82
C LEU A 154 0.40 4.87 9.62
N TYR A 155 0.67 3.67 10.13
CA TYR A 155 1.90 3.43 10.88
C TYR A 155 3.11 3.90 10.08
N VAL A 156 3.13 3.62 8.78
CA VAL A 156 4.23 4.04 7.92
C VAL A 156 4.26 5.57 7.78
N ASP A 157 3.12 6.17 7.44
CA ASP A 157 3.00 7.62 7.31
C ASP A 157 3.37 8.33 8.61
N TYR A 158 3.13 7.65 9.72
CA TYR A 158 3.37 8.18 11.06
C TYR A 158 4.80 7.89 11.49
N ASP A 159 5.61 7.38 10.56
CA ASP A 159 7.03 7.14 10.77
C ASP A 159 7.30 6.04 11.79
N ARG A 160 6.34 5.14 11.96
CA ARG A 160 6.62 3.90 12.66
C ARG A 160 6.46 2.76 11.67
N ILE A 161 7.57 2.27 11.13
CA ILE A 161 7.53 1.10 10.27
C ILE A 161 7.58 -0.15 11.14
N GLU A 162 8.25 -0.02 12.28
CA GLU A 162 8.55 -1.16 13.13
C GLU A 162 7.26 -1.80 13.61
N ASP A 163 6.26 -0.96 13.86
CA ASP A 163 4.96 -1.44 14.34
C ASP A 163 4.14 -2.04 13.20
N SER A 164 4.26 -1.45 12.03
CA SER A 164 3.54 -1.95 10.87
C SER A 164 4.00 -3.36 10.51
N ILE A 165 5.24 -3.70 10.84
CA ILE A 165 5.79 -5.02 10.52
C ILE A 165 5.32 -6.10 11.49
N GLU A 166 5.37 -5.82 12.79
CA GLU A 166 4.89 -6.77 13.80
C GLU A 166 3.45 -7.12 13.49
N LEU A 167 2.73 -6.14 12.95
CA LEU A 167 1.33 -6.29 12.63
C LEU A 167 1.09 -7.42 11.61
N TYR A 168 1.90 -7.46 10.55
CA TYR A 168 1.82 -8.54 9.56
C TYR A 168 2.46 -9.83 10.02
N MET A 169 3.39 -9.73 10.96
CA MET A 169 4.03 -10.91 11.50
C MET A 169 3.06 -11.75 12.33
N LYS A 170 2.19 -11.09 13.09
CA LYS A 170 1.18 -11.80 13.87
C LYS A 170 0.24 -12.57 12.94
N VAL A 171 -0.24 -11.90 11.89
CA VAL A 171 -1.07 -12.56 10.89
C VAL A 171 -0.37 -13.83 10.41
N PHE A 172 0.93 -13.73 10.17
CA PHE A 172 1.69 -14.89 9.73
C PHE A 172 1.63 -15.99 10.78
N ASN A 173 2.11 -15.70 11.98
CA ASN A 173 2.13 -16.72 13.03
C ASN A 173 0.76 -17.33 13.26
N ALA A 174 -0.27 -16.48 13.22
CA ALA A 174 -1.64 -16.94 13.37
C ALA A 174 -1.94 -18.00 12.34
N ASN A 175 -1.34 -17.87 11.15
CA ASN A 175 -1.55 -18.86 10.09
C ASN A 175 -0.74 -20.13 10.34
N VAL A 176 0.41 -19.99 10.97
CA VAL A 176 1.24 -21.15 11.30
C VAL A 176 0.58 -21.98 12.40
N GLU A 177 0.16 -21.32 13.48
CA GLU A 177 -0.56 -21.98 14.57
C GLU A 177 -1.70 -22.80 14.00
N ARG A 178 -2.44 -22.20 13.08
CA ARG A 178 -3.61 -22.83 12.49
C ARG A 178 -3.25 -24.02 11.61
N ARG A 179 -2.15 -23.94 10.86
CA ARG A 179 -1.81 -25.06 9.99
C ARG A 179 -1.37 -26.24 10.83
N GLU A 180 -0.71 -25.97 11.95
CA GLU A 180 -0.28 -27.03 12.84
C GLU A 180 -1.52 -27.75 13.39
N ALA A 181 -2.52 -26.97 13.78
CA ALA A 181 -3.80 -27.51 14.26
C ALA A 181 -4.42 -28.50 13.27
N ILE A 182 -4.53 -28.11 12.01
CA ILE A 182 -5.09 -28.97 10.99
C ILE A 182 -4.24 -30.22 10.73
N LEU A 183 -2.93 -30.11 10.94
CA LEU A 183 -2.03 -31.23 10.65
C LEU A 183 -2.06 -32.27 11.77
N ALA A 184 -2.11 -31.78 12.99
CA ALA A 184 -2.25 -32.64 14.15
C ALA A 184 -3.68 -33.18 14.20
N ALA A 185 -4.61 -32.40 13.68
CA ALA A 185 -6.01 -32.81 13.62
C ALA A 185 -6.18 -34.12 12.87
N LEU A 186 -5.69 -34.16 11.63
CA LEU A 186 -5.84 -35.36 10.81
C LEU A 186 -4.77 -36.41 11.08
N GLU A 187 -3.77 -36.08 11.89
CA GLU A 187 -2.84 -37.11 12.40
C GLU A 187 -3.56 -37.94 13.46
N ASN A 188 -4.49 -37.31 14.18
CA ASN A 188 -5.32 -38.02 15.15
C ASN A 188 -6.51 -38.73 14.49
N ALA A 189 -7.14 -38.06 13.54
CA ALA A 189 -8.34 -38.60 12.89
C ALA A 189 -8.10 -39.99 12.30
N LEU A 190 -6.87 -40.27 11.89
CA LEU A 190 -6.53 -41.58 11.34
C LEU A 190 -6.28 -42.65 12.41
N ASP A 191 -5.85 -42.22 13.60
CA ASP A 191 -5.66 -43.14 14.71
C ASP A 191 -6.97 -43.72 15.20
N SER A 192 -7.93 -42.85 15.52
CA SER A 192 -9.26 -43.28 15.94
C SER A 192 -9.84 -44.25 14.93
N SER A 193 -9.66 -43.94 13.64
CA SER A 193 -10.15 -44.76 12.54
C SER A 193 -8.99 -45.41 11.79
N MET A 218 -12.85 -45.52 3.99
CA MET A 218 -12.62 -45.07 5.37
C MET A 218 -11.55 -43.99 5.48
N PHE A 219 -11.97 -42.74 5.39
CA PHE A 219 -11.04 -41.61 5.53
C PHE A 219 -11.17 -41.01 6.92
N PRO A 220 -10.32 -40.01 7.21
CA PRO A 220 -10.52 -39.22 8.42
C PRO A 220 -11.61 -38.19 8.18
N ASP A 221 -12.33 -37.79 9.22
CA ASP A 221 -13.15 -36.59 9.12
C ASP A 221 -12.73 -35.65 10.24
N ILE A 222 -12.14 -34.53 9.85
CA ILE A 222 -11.78 -33.48 10.78
C ILE A 222 -13.02 -32.61 11.02
N ASN A 223 -13.19 -32.10 12.23
CA ASN A 223 -14.30 -31.20 12.50
C ASN A 223 -13.85 -29.76 12.28
N TRP A 224 -14.35 -29.15 11.22
CA TRP A 224 -13.89 -27.81 10.83
C TRP A 224 -14.53 -26.73 11.68
N LYS A 225 -15.83 -26.88 11.96
CA LYS A 225 -16.54 -25.89 12.76
C LYS A 225 -15.71 -25.52 13.98
N LYS A 226 -15.04 -26.51 14.56
CA LYS A 226 -14.21 -26.31 15.74
C LYS A 226 -12.91 -25.61 15.36
N ILE A 227 -12.35 -25.98 14.20
CA ILE A 227 -11.09 -25.39 13.74
C ILE A 227 -11.28 -23.94 13.27
N ASP A 228 -12.21 -23.72 12.34
CA ASP A 228 -12.45 -22.40 11.79
C ASP A 228 -12.88 -21.39 12.86
N ALA A 229 -13.39 -21.89 13.98
CA ALA A 229 -13.71 -21.05 15.13
C ALA A 229 -12.49 -20.78 16.02
N LYS A 230 -11.64 -21.80 16.18
CA LYS A 230 -10.53 -21.74 17.13
C LYS A 230 -9.31 -20.94 16.64
N TYR A 231 -8.87 -21.17 15.40
CA TYR A 231 -7.83 -20.33 14.79
C TYR A 231 -8.33 -19.68 13.51
N LYS A 232 -8.66 -18.39 13.53
CA LYS A 232 -9.19 -17.74 12.32
C LYS A 232 -8.33 -16.74 11.50
N CYS A 233 -7.15 -16.33 11.94
CA CYS A 233 -6.61 -15.08 11.42
C CYS A 233 -6.39 -15.12 9.91
N ILE A 234 -6.38 -13.91 9.32
CA ILE A 234 -6.40 -13.65 7.87
C ILE A 234 -5.39 -14.47 7.10
N PRO A 235 -5.78 -14.91 5.89
CA PRO A 235 -4.88 -15.71 5.07
C PRO A 235 -3.56 -15.02 4.73
N PHE A 236 -2.44 -15.70 4.93
CA PHE A 236 -1.14 -15.22 4.48
C PHE A 236 -0.82 -15.82 3.10
N ASP A 237 -0.85 -14.97 2.07
CA ASP A 237 -0.52 -15.40 0.71
C ASP A 237 0.58 -14.48 0.17
N TRP A 238 1.01 -14.68 -1.06
CA TRP A 238 2.16 -13.94 -1.56
C TRP A 238 1.93 -12.45 -1.43
N SER A 239 0.72 -12.00 -1.74
CA SER A 239 0.40 -10.58 -1.61
C SER A 239 0.80 -10.07 -0.23
N SER A 240 0.49 -10.86 0.81
CA SER A 240 0.87 -10.49 2.17
C SER A 240 2.39 -10.36 2.27
N LEU A 241 3.11 -11.36 1.81
CA LEU A 241 4.56 -11.39 1.93
C LEU A 241 5.21 -10.24 1.18
N ASN A 242 4.59 -9.84 0.06
CA ASN A 242 5.05 -8.70 -0.71
C ASN A 242 4.85 -7.44 0.12
N ILE A 243 3.69 -7.32 0.75
CA ILE A 243 3.38 -6.16 1.58
C ILE A 243 4.36 -6.06 2.74
N LEU A 244 4.90 -7.21 3.14
CA LEU A 244 5.92 -7.27 4.18
C LEU A 244 7.26 -6.81 3.58
N ALA A 245 7.61 -7.39 2.44
CA ALA A 245 8.86 -7.10 1.79
C ALA A 245 9.02 -5.59 1.65
N GLU A 246 8.03 -4.92 1.08
CA GLU A 246 8.10 -3.47 0.91
C GLU A 246 8.29 -2.76 2.25
N LEU A 247 7.75 -3.33 3.33
CA LEU A 247 7.94 -2.74 4.65
C LEU A 247 9.38 -2.90 5.13
N PHE A 248 10.05 -3.96 4.72
CA PHE A 248 11.44 -4.17 5.11
C PHE A 248 12.39 -3.25 4.35
N LEU A 249 11.98 -2.82 3.16
CA LEU A 249 12.75 -1.82 2.43
C LEU A 249 12.61 -0.45 3.07
N LYS A 250 11.38 -0.05 3.36
CA LYS A 250 11.11 1.28 3.92
C LYS A 250 11.81 1.48 5.27
N LEU A 251 12.11 0.37 5.93
CA LEU A 251 12.84 0.40 7.19
C LEU A 251 14.30 0.74 6.94
N ALA A 252 14.90 0.07 5.95
CA ALA A 252 16.29 0.28 5.59
C ALA A 252 17.19 0.11 6.81
N VAL A 253 17.05 -1.02 7.50
CA VAL A 253 17.83 -1.31 8.68
C VAL A 253 18.02 -2.81 8.86
N SER A 254 19.20 -3.22 9.33
CA SER A 254 19.48 -4.63 9.61
C SER A 254 18.92 -5.50 8.48
N GLU A 255 19.15 -5.05 7.25
CA GLU A 255 18.48 -5.62 6.08
C GLU A 255 18.65 -7.14 5.94
N VAL A 256 19.65 -7.71 6.61
CA VAL A 256 19.85 -9.16 6.53
C VAL A 256 18.78 -9.91 7.32
N ASP A 257 18.25 -9.28 8.37
CA ASP A 257 17.17 -9.88 9.16
C ASP A 257 15.89 -9.89 8.35
N GLY A 258 15.66 -8.83 7.58
CA GLY A 258 14.53 -8.77 6.67
C GLY A 258 14.54 -9.91 5.65
N ILE A 259 15.70 -10.17 5.06
CA ILE A 259 15.86 -11.24 4.09
C ILE A 259 15.63 -12.62 4.70
N LYS A 260 16.20 -12.88 5.87
CA LYS A 260 16.06 -14.20 6.48
C LYS A 260 14.57 -14.50 6.65
N THR A 261 13.80 -13.47 6.96
CA THR A 261 12.36 -13.60 7.25
C THR A 261 11.47 -13.68 5.99
N ILE A 262 11.75 -12.86 4.98
CA ILE A 262 11.03 -12.99 3.72
C ILE A 262 11.13 -14.46 3.27
N LYS A 263 12.25 -15.11 3.57
CA LYS A 263 12.50 -16.48 3.14
C LYS A 263 11.78 -17.49 4.04
N LYS A 264 11.73 -17.25 5.35
CA LYS A 264 11.03 -18.16 6.26
C LYS A 264 9.55 -18.25 5.88
N CYS A 265 8.97 -17.10 5.56
CA CYS A 265 7.56 -16.99 5.20
C CYS A 265 7.27 -17.58 3.80
N ALA A 266 8.01 -17.12 2.80
CA ALA A 266 7.88 -17.64 1.44
C ALA A 266 8.03 -19.16 1.45
N ARG A 267 8.81 -19.65 2.41
CA ARG A 267 9.08 -21.07 2.52
C ARG A 267 7.92 -21.80 3.18
N TRP A 268 7.27 -21.14 4.14
CA TRP A 268 6.10 -21.71 4.82
C TRP A 268 4.96 -21.87 3.83
N ILE A 269 4.71 -20.81 3.07
CA ILE A 269 3.96 -20.91 1.83
C ILE A 269 4.79 -21.92 1.03
N GLN A 270 4.15 -22.70 0.19
CA GLN A 270 4.83 -23.84 -0.46
C GLN A 270 5.23 -24.93 0.54
N ARG A 271 4.63 -24.91 1.73
CA ARG A 271 4.72 -26.01 2.67
C ARG A 271 6.14 -26.59 2.82
N ARG A 272 7.16 -25.75 2.69
CA ARG A 272 8.54 -26.19 2.85
C ARG A 272 9.12 -25.91 4.24
N GLU A 273 8.31 -25.39 5.17
CA GLU A 273 8.82 -24.96 6.47
C GLU A 273 9.58 -26.09 7.16
N SER A 274 9.30 -27.30 6.70
CA SER A 274 9.97 -28.49 7.19
C SER A 274 11.49 -28.34 7.15
N GLN A 275 12.01 -27.53 6.24
CA GLN A 275 13.45 -27.44 6.07
C GLN A 275 13.93 -26.23 6.83
N THR A 276 14.52 -26.48 7.98
CA THR A 276 14.99 -25.43 8.87
C THR A 276 16.33 -24.87 8.42
N PHE A 277 17.14 -25.73 7.82
CA PHE A 277 18.53 -25.40 7.54
C PHE A 277 18.72 -24.11 6.72
N TRP A 278 17.77 -23.78 5.85
CA TRP A 278 17.93 -22.61 5.01
C TRP A 278 18.09 -21.36 5.85
N ASP A 279 17.71 -21.46 7.13
CA ASP A 279 17.81 -20.32 8.02
C ASP A 279 19.26 -20.05 8.38
N HIS A 280 20.07 -21.10 8.32
CA HIS A 280 21.45 -21.02 8.77
C HIS A 280 22.51 -20.79 7.67
N VAL A 281 22.11 -20.59 6.42
CA VAL A 281 23.09 -20.29 5.37
C VAL A 281 22.89 -18.91 4.75
N PRO A 282 24.01 -18.20 4.49
CA PRO A 282 24.06 -16.83 3.95
C PRO A 282 23.71 -16.75 2.48
N ASP A 283 23.95 -17.84 1.75
CA ASP A 283 23.92 -17.75 0.30
C ASP A 283 22.64 -17.13 -0.21
N ASP A 284 21.51 -17.31 0.49
CA ASP A 284 20.26 -16.93 -0.13
C ASP A 284 20.11 -17.94 -1.28
N SER A 285 20.62 -19.15 -1.02
CA SER A 285 20.86 -20.14 -2.07
C SER A 285 19.62 -20.91 -2.51
N GLU A 286 18.61 -21.05 -1.64
CA GLU A 286 17.37 -21.67 -2.08
C GLU A 286 16.79 -20.67 -3.05
N PHE A 287 15.67 -21.00 -3.68
CA PHE A 287 15.11 -20.10 -4.69
C PHE A 287 16.08 -19.85 -5.86
N ASP A 288 17.01 -20.77 -6.07
CA ASP A 288 18.02 -20.69 -7.14
C ASP A 288 18.44 -22.12 -7.46
N ASN A 289 19.11 -22.33 -8.58
CA ASN A 289 19.69 -23.64 -8.87
C ASN A 289 20.84 -23.98 -7.93
N ARG A 290 21.39 -22.95 -7.29
CA ARG A 290 22.49 -23.12 -6.36
C ARG A 290 22.12 -24.16 -5.31
N ARG A 291 20.82 -24.37 -5.11
CA ARG A 291 20.32 -25.27 -4.07
C ARG A 291 20.59 -26.76 -4.33
N PHE A 292 21.06 -27.11 -5.53
CA PHE A 292 21.38 -28.51 -5.84
C PHE A 292 22.79 -28.88 -5.42
N LYS A 293 23.62 -27.87 -5.18
CA LYS A 293 24.98 -28.08 -4.71
C LYS A 293 24.95 -28.20 -3.19
N ASN A 294 23.76 -28.14 -2.62
CA ASN A 294 23.62 -28.19 -1.17
C ASN A 294 23.70 -29.62 -0.63
N SER A 295 24.40 -29.76 0.49
CA SER A 295 24.61 -31.05 1.11
C SER A 295 23.29 -31.66 1.60
N THR A 296 22.58 -30.92 2.46
CA THR A 296 21.38 -31.45 3.13
C THR A 296 20.21 -31.55 2.15
N PHE A 297 20.15 -30.62 1.20
CA PHE A 297 19.10 -30.65 0.18
C PHE A 297 19.18 -31.94 -0.62
N ASP A 298 20.38 -32.33 -1.01
CA ASP A 298 20.54 -33.50 -1.87
C ASP A 298 19.90 -34.70 -1.19
N SER A 299 20.17 -34.85 0.11
CA SER A 299 19.69 -35.99 0.88
C SER A 299 18.15 -36.03 1.02
N LEU A 300 17.49 -34.89 0.84
CA LEU A 300 16.04 -34.84 0.91
C LEU A 300 15.45 -35.80 -0.10
N LEU A 301 14.29 -36.37 0.23
CA LEU A 301 13.63 -37.29 -0.67
C LEU A 301 13.01 -36.52 -1.83
N ALA A 302 12.48 -37.23 -2.81
CA ALA A 302 12.05 -36.60 -4.06
C ALA A 302 10.77 -35.84 -3.85
N ALA A 303 9.94 -36.34 -2.94
CA ALA A 303 8.69 -35.68 -2.63
C ALA A 303 8.91 -34.20 -2.30
N GLU A 304 9.89 -33.92 -1.45
CA GLU A 304 10.18 -32.56 -1.01
C GLU A 304 10.98 -31.79 -2.07
N LYS A 305 11.89 -32.47 -2.75
CA LYS A 305 12.67 -31.82 -3.79
C LYS A 305 11.74 -31.20 -4.81
N GLU A 306 10.58 -31.82 -5.01
CA GLU A 306 9.57 -31.26 -5.90
C GLU A 306 8.56 -30.48 -5.04
N LYS A 307 8.62 -29.16 -5.18
CA LYS A 307 7.83 -28.21 -4.41
C LYS A 307 8.31 -26.87 -4.92
N SER A 308 7.57 -25.80 -4.72
CA SER A 308 7.97 -24.56 -5.35
C SER A 308 9.19 -24.03 -4.61
N TYR A 309 10.29 -23.92 -5.33
CA TYR A 309 11.49 -23.21 -4.88
C TYR A 309 11.58 -21.83 -5.53
N ASN A 310 10.53 -21.44 -6.23
CA ASN A 310 10.56 -20.16 -6.91
C ASN A 310 9.72 -19.14 -6.14
N ILE A 311 10.09 -17.86 -6.29
CA ILE A 311 9.32 -16.77 -5.70
C ILE A 311 8.86 -15.80 -6.79
N PRO A 312 7.68 -15.17 -6.59
CA PRO A 312 7.16 -14.18 -7.54
C PRO A 312 8.11 -13.01 -7.76
N ILE A 313 8.03 -12.39 -8.93
CA ILE A 313 9.02 -11.39 -9.33
C ILE A 313 8.99 -10.12 -8.46
N ASP A 314 7.81 -9.55 -8.25
CA ASP A 314 7.73 -8.30 -7.48
C ASP A 314 8.41 -8.44 -6.13
N ILE A 315 8.45 -9.67 -5.61
CA ILE A 315 9.15 -9.97 -4.37
C ILE A 315 10.65 -10.23 -4.58
N ARG A 316 11.01 -10.87 -5.68
CA ARG A 316 12.41 -11.20 -5.95
C ARG A 316 13.24 -9.96 -6.24
N VAL A 317 12.68 -9.04 -7.01
CA VAL A 317 13.30 -7.75 -7.25
C VAL A 317 13.43 -6.97 -5.94
N ARG A 318 12.60 -7.30 -4.96
CA ARG A 318 12.66 -6.66 -3.65
C ARG A 318 13.74 -7.28 -2.74
N LEU A 319 14.11 -8.52 -3.02
CA LEU A 319 15.23 -9.14 -2.30
C LEU A 319 16.53 -8.63 -2.91
N GLY A 320 16.51 -8.43 -4.22
CA GLY A 320 17.65 -7.83 -4.88
C GLY A 320 17.96 -6.50 -4.22
N LEU A 321 16.97 -5.61 -4.17
CA LEU A 321 17.15 -4.31 -3.56
C LEU A 321 17.61 -4.48 -2.12
N LEU A 322 16.95 -5.37 -1.39
CA LEU A 322 17.22 -5.53 0.03
C LEU A 322 18.66 -6.01 0.28
N ARG A 323 19.21 -6.78 -0.65
CA ARG A 323 20.61 -7.20 -0.58
C ARG A 323 21.53 -6.05 -0.99
N LEU A 324 21.17 -5.36 -2.06
CA LEU A 324 21.97 -4.25 -2.57
C LEU A 324 22.14 -3.19 -1.50
N ASN A 325 21.27 -3.20 -0.49
CA ASN A 325 21.42 -2.30 0.65
C ASN A 325 22.58 -2.68 1.57
N THR A 326 22.89 -3.97 1.60
CA THR A 326 23.99 -4.50 2.41
C THR A 326 25.27 -4.52 1.61
N ASP A 327 25.23 -3.93 0.42
CA ASP A 327 26.37 -3.97 -0.50
C ASP A 327 26.82 -5.41 -0.72
N ASN A 328 25.85 -6.29 -0.94
CA ASN A 328 26.14 -7.59 -1.51
C ASN A 328 25.62 -7.55 -2.95
N LEU A 329 26.53 -7.28 -3.89
CA LEU A 329 26.14 -7.04 -5.28
C LEU A 329 26.06 -8.36 -5.98
N VAL A 330 26.69 -9.37 -5.39
CA VAL A 330 26.82 -10.66 -6.02
C VAL A 330 25.49 -11.39 -5.88
N GLU A 331 24.87 -11.23 -4.70
CA GLU A 331 23.55 -11.81 -4.45
C GLU A 331 22.45 -10.97 -5.07
N ALA A 332 22.49 -9.67 -4.82
CA ALA A 332 21.49 -8.76 -5.37
C ALA A 332 21.38 -8.97 -6.88
N LEU A 333 22.54 -9.13 -7.51
CA LEU A 333 22.61 -9.37 -8.95
C LEU A 333 21.88 -10.66 -9.36
N ASN A 334 22.06 -11.73 -8.59
CA ASN A 334 21.41 -13.00 -8.93
C ASN A 334 19.89 -12.93 -8.89
N HIS A 335 19.36 -12.05 -8.05
CA HIS A 335 17.93 -11.79 -8.03
C HIS A 335 17.52 -10.99 -9.27
N PHE A 336 18.15 -9.84 -9.49
CA PHE A 336 17.77 -9.00 -10.63
C PHE A 336 17.82 -9.77 -11.95
N GLN A 337 18.81 -10.66 -12.05
CA GLN A 337 19.02 -11.44 -13.27
C GLN A 337 17.82 -12.33 -13.60
N CYS A 338 16.93 -12.48 -12.63
CA CYS A 338 15.73 -13.30 -12.82
C CYS A 338 14.69 -12.55 -13.67
N LEU A 339 14.79 -11.22 -13.71
CA LEU A 339 13.95 -10.44 -14.61
C LEU A 339 14.07 -10.95 -16.05
N TYR A 340 15.22 -11.55 -16.37
CA TYR A 340 15.52 -11.99 -17.73
C TYR A 340 14.66 -13.19 -18.16
N ASP A 341 14.05 -13.86 -17.19
CA ASP A 341 13.19 -15.01 -17.47
C ASP A 341 11.70 -14.67 -17.51
N GLU A 342 11.36 -13.41 -17.26
CA GLU A 342 9.96 -12.96 -17.35
C GLU A 342 9.76 -12.29 -18.70
N THR A 343 8.59 -12.41 -19.28
CA THR A 343 8.28 -11.72 -20.53
C THR A 343 8.53 -10.22 -20.34
N PHE A 344 9.37 -9.67 -21.20
CA PHE A 344 9.94 -8.34 -20.94
C PHE A 344 8.91 -7.21 -20.82
N SER A 345 7.87 -7.24 -21.64
CA SER A 345 6.89 -6.15 -21.65
C SER A 345 6.05 -6.15 -20.38
N ASP A 346 5.86 -7.33 -19.79
CA ASP A 346 5.15 -7.48 -18.51
C ASP A 346 5.86 -6.74 -17.39
N VAL A 347 7.15 -7.00 -17.18
CA VAL A 347 7.89 -6.20 -16.22
C VAL A 347 9.01 -5.36 -16.85
N ALA A 348 8.68 -4.15 -17.29
CA ALA A 348 9.70 -3.18 -17.69
C ALA A 348 10.04 -2.35 -16.48
N ASP A 349 8.98 -1.96 -15.77
CA ASP A 349 9.10 -1.03 -14.65
C ASP A 349 10.06 -1.55 -13.59
N LEU A 350 10.25 -2.87 -13.55
CA LEU A 350 11.19 -3.48 -12.61
C LEU A 350 12.62 -3.37 -13.13
N TYR A 351 12.84 -3.61 -14.41
CA TYR A 351 14.15 -3.38 -15.02
C TYR A 351 14.61 -1.99 -14.61
N PHE A 352 13.75 -1.01 -14.90
CA PHE A 352 14.03 0.37 -14.56
C PHE A 352 14.34 0.56 -13.08
N GLU A 353 13.50 0.04 -12.19
CA GLU A 353 13.69 0.25 -10.77
C GLU A 353 15.01 -0.36 -10.28
N ALA A 354 15.40 -1.48 -10.87
CA ALA A 354 16.66 -2.13 -10.55
C ALA A 354 17.84 -1.31 -11.07
N ALA A 355 17.79 -0.98 -12.36
CA ALA A 355 18.81 -0.15 -12.98
C ALA A 355 19.03 1.14 -12.17
N THR A 356 17.96 1.84 -11.80
CA THR A 356 18.09 3.07 -11.02
C THR A 356 18.61 2.79 -9.61
N ALA A 357 18.40 1.57 -9.12
CA ALA A 357 18.84 1.22 -7.78
C ALA A 357 20.33 0.91 -7.76
N LEU A 358 20.84 0.43 -8.88
CA LEU A 358 22.27 0.22 -9.05
C LEU A 358 22.98 1.57 -9.25
N THR A 359 22.36 2.42 -10.06
CA THR A 359 22.87 3.78 -10.28
C THR A 359 23.02 4.53 -8.96
N ARG A 360 22.00 4.46 -8.11
CA ARG A 360 22.05 5.10 -6.81
C ARG A 360 23.10 4.45 -5.91
N ALA A 361 23.28 3.14 -6.08
CA ALA A 361 24.22 2.39 -5.24
C ALA A 361 25.61 2.47 -5.85
N GLU A 362 25.72 3.29 -6.90
CA GLU A 362 27.01 3.61 -7.49
C GLU A 362 27.68 2.41 -8.15
N LYS A 363 26.90 1.42 -8.55
CA LYS A 363 27.47 0.33 -9.32
C LYS A 363 27.03 0.53 -10.77
N TYR A 364 27.93 1.12 -11.55
CA TYR A 364 27.59 1.66 -12.87
C TYR A 364 27.66 0.68 -14.03
N LYS A 365 28.70 -0.15 -14.04
CA LYS A 365 28.89 -1.10 -15.14
C LYS A 365 27.66 -1.96 -15.29
N GLU A 366 27.03 -2.28 -14.15
CA GLU A 366 25.87 -3.15 -14.14
C GLU A 366 24.56 -2.44 -14.45
N ALA A 367 24.37 -1.23 -13.92
CA ALA A 367 23.14 -0.46 -14.19
C ALA A 367 22.82 -0.39 -15.69
N ILE A 368 23.85 -0.21 -16.52
CA ILE A 368 23.64 -0.01 -17.95
C ILE A 368 22.94 -1.23 -18.55
N ASP A 369 23.13 -2.39 -17.94
CA ASP A 369 22.57 -3.63 -18.46
C ASP A 369 21.06 -3.71 -18.23
N PHE A 370 20.58 -3.09 -17.16
CA PHE A 370 19.14 -3.04 -16.89
C PHE A 370 18.47 -1.78 -17.41
N PHE A 371 19.27 -0.80 -17.83
CA PHE A 371 18.73 0.34 -18.57
C PHE A 371 18.58 0.01 -20.05
N THR A 372 19.57 -0.68 -20.62
CA THR A 372 19.69 -0.79 -22.06
C THR A 372 18.45 -1.42 -22.74
N PRO A 373 17.85 -2.46 -22.11
CA PRO A 373 16.68 -3.03 -22.79
C PRO A 373 15.46 -2.10 -22.91
N LEU A 374 15.25 -1.21 -21.94
CA LEU A 374 14.13 -0.27 -22.00
C LEU A 374 14.12 0.56 -23.28
N LEU A 375 15.28 0.66 -23.93
CA LEU A 375 15.42 1.48 -25.13
C LEU A 375 14.58 0.95 -26.28
N SER A 376 14.41 -0.37 -26.36
CA SER A 376 13.71 -1.01 -27.49
C SER A 376 12.23 -0.64 -27.53
N LEU A 377 11.64 -0.45 -26.35
CA LEU A 377 10.23 -0.07 -26.26
C LEU A 377 10.08 1.44 -26.25
N GLU A 378 9.30 1.94 -27.21
CA GLU A 378 9.23 3.38 -27.52
C GLU A 378 8.96 4.27 -26.32
N GLU A 379 8.04 3.85 -25.46
CA GLU A 379 7.54 4.72 -24.40
C GLU A 379 8.61 5.04 -23.35
N TRP A 380 9.68 4.26 -23.34
CA TRP A 380 10.74 4.44 -22.35
C TRP A 380 11.83 5.40 -22.80
N ARG A 381 11.77 5.89 -24.04
CA ARG A 381 12.86 6.74 -24.53
C ARG A 381 12.52 8.17 -24.14
N THR A 382 13.21 8.61 -23.10
CA THR A 382 12.89 9.85 -22.39
C THR A 382 14.12 10.25 -21.60
N THR A 383 14.14 11.47 -21.08
CA THR A 383 15.20 11.88 -20.17
C THR A 383 15.35 10.90 -19.00
N ASP A 384 14.24 10.32 -18.54
CA ASP A 384 14.26 9.43 -17.38
C ASP A 384 15.22 8.25 -17.55
N VAL A 385 15.17 7.61 -18.72
CA VAL A 385 16.12 6.55 -19.06
C VAL A 385 17.46 7.06 -19.60
N PHE A 386 17.41 8.10 -20.44
CA PHE A 386 18.60 8.56 -21.16
C PHE A 386 19.66 9.21 -20.27
N LYS A 387 19.25 10.00 -19.28
CA LYS A 387 20.22 10.65 -18.39
C LYS A 387 21.12 9.63 -17.68
N PRO A 388 20.51 8.74 -16.87
CA PRO A 388 21.33 7.78 -16.11
C PRO A 388 22.17 6.87 -17.00
N LEU A 389 21.59 6.42 -18.12
CA LEU A 389 22.32 5.58 -19.06
C LEU A 389 23.63 6.24 -19.40
N ALA A 390 23.54 7.51 -19.80
CA ALA A 390 24.71 8.26 -20.18
C ALA A 390 25.65 8.40 -18.99
N ARG A 391 25.15 8.97 -17.90
CA ARG A 391 25.97 9.20 -16.73
C ARG A 391 26.68 7.93 -16.31
N CYS A 392 26.05 6.79 -16.55
CA CYS A 392 26.69 5.53 -16.22
C CYS A 392 27.94 5.37 -17.08
N TYR A 393 27.76 5.56 -18.39
CA TYR A 393 28.87 5.41 -19.33
C TYR A 393 30.01 6.40 -19.01
N LYS A 394 29.67 7.67 -18.87
CA LYS A 394 30.67 8.67 -18.48
C LYS A 394 31.46 8.18 -17.28
N GLU A 395 30.80 7.51 -16.35
CA GLU A 395 31.44 7.06 -15.12
C GLU A 395 32.35 5.84 -15.31
N ILE A 396 32.19 5.10 -16.41
CA ILE A 396 33.04 3.93 -16.66
C ILE A 396 34.25 4.31 -17.49
N GLU A 397 34.37 5.61 -17.78
CA GLU A 397 35.45 6.12 -18.62
C GLU A 397 35.34 5.61 -20.05
N SER A 398 34.12 5.30 -20.51
CA SER A 398 33.91 5.22 -21.95
C SER A 398 33.01 6.39 -22.31
N TYR A 399 33.61 7.43 -22.87
CA TYR A 399 32.93 8.69 -23.07
C TYR A 399 32.34 8.77 -24.47
N GLU A 400 32.75 7.85 -25.33
CA GLU A 400 32.40 7.90 -26.74
C GLU A 400 30.91 7.69 -26.85
N THR A 401 30.44 6.59 -26.27
CA THR A 401 29.04 6.22 -26.32
C THR A 401 28.19 7.12 -25.42
N ALA A 402 28.76 7.54 -24.29
CA ALA A 402 28.05 8.42 -23.37
C ALA A 402 27.61 9.72 -24.06
N LYS A 403 28.38 10.15 -25.05
CA LYS A 403 28.01 11.32 -25.83
C LYS A 403 26.65 11.09 -26.45
N GLU A 404 26.53 9.96 -27.15
CA GLU A 404 25.35 9.64 -27.95
C GLU A 404 24.06 9.84 -27.16
N PHE A 405 24.05 9.41 -25.90
CA PHE A 405 22.84 9.45 -25.09
C PHE A 405 22.47 10.84 -24.56
N TYR A 406 23.44 11.56 -24.00
CA TYR A 406 23.16 12.92 -23.55
C TYR A 406 22.59 13.73 -24.70
N GLU A 407 23.07 13.44 -25.91
CA GLU A 407 22.54 14.10 -27.09
C GLU A 407 21.05 13.79 -27.25
N LEU A 408 20.70 12.52 -27.33
CA LEU A 408 19.31 12.09 -27.44
C LEU A 408 18.46 12.69 -26.32
N ALA A 409 19.02 12.71 -25.11
CA ALA A 409 18.32 13.24 -23.96
C ALA A 409 18.08 14.74 -24.10
N ILE A 410 19.08 15.45 -24.61
CA ILE A 410 18.99 16.89 -24.74
C ILE A 410 17.87 17.26 -25.72
N LYS A 411 17.61 16.38 -26.68
CA LYS A 411 16.58 16.66 -27.70
C LYS A 411 15.23 16.91 -27.05
N SER A 412 14.72 15.90 -26.34
CA SER A 412 13.39 16.00 -25.75
C SER A 412 13.32 17.18 -24.78
N GLU A 413 14.31 17.26 -23.89
CA GLU A 413 14.29 18.25 -22.82
C GLU A 413 15.41 19.29 -22.94
N PRO A 414 15.03 20.59 -23.04
CA PRO A 414 15.92 21.74 -22.89
C PRO A 414 16.29 22.05 -21.44
N ASP A 415 17.17 21.23 -20.85
CA ASP A 415 17.67 21.48 -19.50
C ASP A 415 19.17 21.75 -19.52
N ASP A 416 19.63 22.62 -18.63
CA ASP A 416 21.04 22.99 -18.58
C ASP A 416 21.91 21.98 -17.85
N LEU A 417 21.38 21.44 -16.76
CA LEU A 417 22.16 20.58 -15.87
C LEU A 417 22.84 19.47 -16.66
N ASP A 418 22.08 18.84 -17.56
CA ASP A 418 22.60 17.74 -18.37
C ASP A 418 23.03 18.11 -19.80
N ILE A 419 22.99 19.40 -20.15
CA ILE A 419 23.75 19.87 -21.32
C ILE A 419 25.19 20.05 -20.88
N ARG A 420 25.37 20.62 -19.69
CA ARG A 420 26.70 20.83 -19.13
C ARG A 420 27.47 19.51 -19.03
N VAL A 421 26.86 18.50 -18.41
CA VAL A 421 27.53 17.22 -18.22
C VAL A 421 27.91 16.64 -19.59
N SER A 422 27.29 17.17 -20.66
CA SER A 422 27.64 16.77 -22.04
C SER A 422 28.93 17.46 -22.46
N LEU A 423 29.17 18.64 -21.91
CA LEU A 423 30.43 19.34 -22.12
C LEU A 423 31.56 18.51 -21.53
N ALA A 424 31.39 18.13 -20.26
CA ALA A 424 32.38 17.33 -19.55
C ALA A 424 32.74 16.05 -20.33
N GLU A 425 31.84 15.56 -21.16
CA GLU A 425 32.09 14.39 -22.01
C GLU A 425 32.85 14.72 -23.30
N VAL A 426 32.47 15.83 -23.94
CA VAL A 426 33.19 16.29 -25.14
C VAL A 426 34.61 16.71 -24.72
N TYR A 427 34.75 17.06 -23.44
CA TYR A 427 36.03 17.41 -22.84
C TYR A 427 37.00 16.23 -22.72
N TYR A 428 36.54 15.13 -22.16
CA TYR A 428 37.44 14.05 -21.72
C TYR A 428 37.92 13.14 -22.86
N ARG A 429 37.10 12.94 -23.89
CA ARG A 429 37.47 12.01 -24.97
C ARG A 429 38.19 12.78 -26.08
N LEU A 430 37.48 13.70 -26.71
CA LEU A 430 38.16 14.74 -27.46
C LEU A 430 38.97 15.51 -26.44
N ASN A 431 40.27 15.64 -26.64
CA ASN A 431 41.02 16.55 -25.77
C ASN A 431 40.75 17.95 -26.32
N ASP A 432 41.48 18.95 -25.83
CA ASP A 432 41.14 20.33 -26.14
C ASP A 432 41.15 20.69 -27.63
N PRO A 433 42.04 20.09 -28.44
CA PRO A 433 42.02 20.64 -29.81
C PRO A 433 40.67 20.46 -30.49
N GLU A 434 40.13 21.58 -30.98
CA GLU A 434 38.80 21.61 -31.60
C GLU A 434 37.68 21.26 -30.62
N THR A 435 37.96 21.32 -29.32
CA THR A 435 36.92 21.20 -28.28
C THR A 435 36.52 22.53 -27.67
N PHE A 436 37.25 23.60 -28.01
CA PHE A 436 36.98 24.89 -27.41
C PHE A 436 35.78 25.55 -28.07
N LYS A 437 35.59 25.26 -29.36
CA LYS A 437 34.46 25.80 -30.10
C LYS A 437 33.16 25.16 -29.63
N HIS A 438 33.17 23.85 -29.47
CA HIS A 438 31.99 23.11 -29.02
C HIS A 438 31.47 23.60 -27.68
N MET A 439 32.38 23.81 -26.74
CA MET A 439 32.01 24.19 -25.39
C MET A 439 31.17 25.46 -25.35
N LEU A 440 31.67 26.52 -26.00
CA LEU A 440 30.96 27.79 -26.06
C LEU A 440 29.68 27.69 -26.89
N VAL A 441 29.70 26.87 -27.94
CA VAL A 441 28.53 26.67 -28.78
C VAL A 441 27.31 26.29 -27.94
N ASP A 442 27.54 25.52 -26.88
CA ASP A 442 26.46 24.94 -26.11
C ASP A 442 26.25 25.63 -24.76
#